data_6Z56
#
_entry.id   6Z56
#
_cell.length_a   78.030
_cell.length_b   78.440
_cell.length_c   82.170
_cell.angle_alpha   90.000
_cell.angle_beta   90.000
_cell.angle_gamma   90.000
#
_symmetry.space_group_name_H-M   'P 21 21 21'
#
loop_
_entity.id
_entity.type
_entity.pdbx_description
1 polymer 'Serine/threonine-protein kinase haspin'
2 non-polymer 6-(2-methoxyethoxy)-11-methyl-8-oxa-2,11,15,19,21,23-hexazatetracyclo[15.6.1.13,7.020,24]pentacosa-1(23),3(25),4,6,17,20(24),21-heptaen-10-one
3 non-polymer 'DIMETHYL SULFOXIDE'
4 water water
#
_entity_poly.entity_id   1
_entity_poly.type   'polypeptide(L)'
_entity_poly.pdbx_seq_one_letter_code
;MHHHHHHSSGVDLGTENLYFQSMGECSQKGPVPFSHCLPTEKLQRCEKIGEGVFGEVFQTIADHTPVAIKIIAIEGPDLV
NGSHQKTFEEILPEIIISKELSLLSGEVCNRTEGFIGLNSVHCVQGSYPPLLLKAWDHYNSTKGSANDRPDFFKDDQLFI
VLEFEFGGIDLEQMRTKLSSLATAKSILHQLTASLAVAEASLRFEHRDLHWGNVLLKKTSLKKLHYTLNGKSSTIPSCGL
QVSIIDYTLSRLERDGIVVFCDVSMDEDLFTGDGDYQFDIYRLMKKENNNRWGEYHPYSNVLWLHYLTDKMLKQMTFKTK
CNTPAMKQIKRKIQEFHRTMLNFSSATDLLCQHSLFK
;
_entity_poly.pdbx_strand_id   A
#
# COMPACT_ATOMS: atom_id res chain seq x y z
N LYS A 29 -10.25 25.16 7.61
CA LYS A 29 -9.60 26.13 8.53
C LYS A 29 -10.05 25.85 9.97
N GLY A 30 -9.34 24.95 10.65
CA GLY A 30 -9.65 24.51 12.04
C GLY A 30 -10.08 23.04 12.15
N PRO A 31 -9.64 22.30 13.20
CA PRO A 31 -10.02 20.89 13.36
C PRO A 31 -11.47 20.66 13.71
N VAL A 32 -11.99 19.48 13.38
CA VAL A 32 -13.38 19.11 13.57
C VAL A 32 -13.45 17.99 14.61
N PRO A 33 -14.63 17.77 15.24
CA PRO A 33 -14.83 16.63 16.12
C PRO A 33 -14.86 15.40 15.32
N PHE A 34 -14.66 14.28 15.98
CA PHE A 34 -14.72 13.00 15.31
C PHE A 34 -16.04 12.79 14.59
N SER A 35 -17.12 13.39 15.14
CA SER A 35 -18.47 13.25 14.61
C SER A 35 -18.61 13.75 13.17
N HIS A 36 -17.75 14.68 12.78
CA HIS A 36 -17.76 15.18 11.40
C HIS A 36 -17.39 14.11 10.40
N CYS A 37 -16.45 13.23 10.74
CA CYS A 37 -15.99 12.14 9.83
C CYS A 37 -16.65 10.86 10.11
N LEU A 38 -16.95 10.66 11.37
CA LEU A 38 -17.45 9.41 11.83
C LEU A 38 -18.69 9.70 12.64
N PRO A 39 -19.82 9.98 11.95
CA PRO A 39 -21.09 10.13 12.69
C PRO A 39 -21.44 8.78 13.32
N THR A 40 -22.49 8.75 14.15
CA THR A 40 -22.79 7.57 14.99
C THR A 40 -22.89 6.23 14.22
N GLU A 41 -23.65 6.19 13.14
CA GLU A 41 -23.83 4.91 12.49
C GLU A 41 -22.51 4.36 11.90
N LYS A 42 -21.69 5.26 11.39
CA LYS A 42 -20.42 4.88 10.79
C LYS A 42 -19.49 4.38 11.91
N LEU A 43 -19.48 5.07 13.04
CA LEU A 43 -18.73 4.59 14.22
C LEU A 43 -19.23 3.20 14.70
N GLN A 44 -20.55 3.03 14.73
CA GLN A 44 -21.14 1.77 15.21
C GLN A 44 -20.78 0.61 14.29
N ARG A 45 -20.43 0.90 13.05
CA ARG A 45 -20.11 -0.19 12.11
C ARG A 45 -18.61 -0.45 11.91
N CYS A 46 -17.78 0.26 12.66
CA CYS A 46 -16.32 0.12 12.57
C CYS A 46 -15.85 -1.19 13.09
N GLU A 47 -15.06 -1.89 12.28
CA GLU A 47 -14.29 -3.02 12.71
C GLU A 47 -12.83 -2.81 12.35
N LYS A 48 -11.92 -3.13 13.26
CA LYS A 48 -10.50 -2.88 13.01
C LYS A 48 -9.95 -3.91 12.03
N ILE A 49 -9.18 -3.44 11.06
CA ILE A 49 -8.60 -4.32 10.03
C ILE A 49 -7.10 -4.29 9.93
N GLY A 50 -6.42 -3.39 10.64
CA GLY A 50 -4.98 -3.36 10.59
C GLY A 50 -4.39 -2.31 11.52
N GLU A 51 -3.09 -2.41 11.70
CA GLU A 51 -2.41 -1.48 12.59
C GLU A 51 -0.95 -1.41 12.29
N GLY A 52 -0.34 -0.34 12.79
CA GLY A 52 1.11 -0.19 12.82
C GLY A 52 1.40 0.88 13.85
N VAL A 53 2.66 1.24 14.02
CA VAL A 53 3.07 2.23 15.01
C VAL A 53 2.39 3.56 14.77
N PHE A 54 2.27 3.93 13.51
CA PHE A 54 1.78 5.24 13.09
C PHE A 54 0.42 5.14 12.38
N GLY A 55 -0.42 4.21 12.81
CA GLY A 55 -1.75 4.11 12.19
C GLY A 55 -2.61 2.94 12.61
N GLU A 56 -3.89 3.22 12.77
CA GLU A 56 -4.86 2.17 13.03
CA GLU A 56 -4.89 2.20 13.02
C GLU A 56 -5.84 2.26 11.88
N VAL A 57 -6.23 1.12 11.34
CA VAL A 57 -7.14 1.12 10.24
C VAL A 57 -8.40 0.32 10.58
N PHE A 58 -9.55 0.92 10.28
CA PHE A 58 -10.87 0.34 10.53
C PHE A 58 -11.64 0.25 9.24
N GLN A 59 -12.48 -0.76 9.10
CA GLN A 59 -13.39 -0.83 7.99
CA GLN A 59 -13.41 -0.83 7.97
C GLN A 59 -14.73 -0.39 8.53
N THR A 60 -15.46 0.40 7.73
CA THR A 60 -16.84 0.76 8.07
C THR A 60 -17.67 0.80 6.77
N ILE A 61 -18.89 1.25 6.86
CA ILE A 61 -19.80 1.28 5.72
C ILE A 61 -20.35 2.67 5.59
N ALA A 62 -20.30 3.25 4.39
CA ALA A 62 -21.03 4.50 4.08
C ALA A 62 -21.80 4.27 2.77
N ASP A 63 -23.07 4.62 2.76
CA ASP A 63 -23.97 4.43 1.63
C ASP A 63 -23.74 3.05 1.01
N HIS A 64 -23.86 2.03 1.88
CA HIS A 64 -23.91 0.62 1.55
C HIS A 64 -22.62 0.17 1.01
N THR A 65 -21.57 0.93 1.26
CA THR A 65 -20.30 0.68 0.64
C THR A 65 -19.18 0.69 1.64
N PRO A 66 -18.35 -0.37 1.61
CA PRO A 66 -17.20 -0.39 2.53
C PRO A 66 -16.19 0.67 2.29
N VAL A 67 -15.64 1.22 3.36
CA VAL A 67 -14.55 2.16 3.27
C VAL A 67 -13.54 1.81 4.37
N ALA A 68 -12.30 2.25 4.21
CA ALA A 68 -11.27 2.03 5.20
C ALA A 68 -10.96 3.40 5.82
N ILE A 69 -10.87 3.44 7.15
CA ILE A 69 -10.60 4.70 7.88
C ILE A 69 -9.26 4.48 8.56
N LYS A 70 -8.27 5.31 8.21
CA LYS A 70 -6.96 5.34 8.89
C LYS A 70 -6.93 6.55 9.79
N ILE A 71 -6.53 6.30 11.03
CA ILE A 71 -6.42 7.31 12.07
C ILE A 71 -4.97 7.33 12.64
N ILE A 72 -4.41 8.55 12.75
CA ILE A 72 -3.05 8.81 13.18
C ILE A 72 -3.11 9.94 14.21
N ALA A 73 -2.64 9.68 15.42
CA ALA A 73 -2.52 10.69 16.48
C ALA A 73 -1.35 11.56 16.06
N ILE A 74 -1.55 12.87 16.07
CA ILE A 74 -0.47 13.79 15.74
C ILE A 74 -0.26 14.93 16.76
N GLU A 75 0.96 15.50 16.75
CA GLU A 75 1.30 16.80 17.42
C GLU A 75 1.41 16.76 18.91
N GLY A 76 1.08 15.64 19.52
CA GLY A 76 1.12 15.51 20.97
C GLY A 76 2.48 15.11 21.54
N PRO A 77 2.68 15.31 22.85
CA PRO A 77 4.00 15.06 23.44
C PRO A 77 4.17 13.61 23.95
N ASP A 78 3.08 12.88 24.13
CA ASP A 78 3.09 11.51 24.59
C ASP A 78 3.58 10.47 23.60
N LEU A 79 4.29 9.51 24.10
CA LEU A 79 4.61 8.34 23.33
C LEU A 79 3.35 7.57 22.96
N VAL A 80 3.27 7.11 21.72
CA VAL A 80 2.16 6.26 21.26
C VAL A 80 2.80 5.10 20.56
N ASN A 81 2.50 3.89 21.02
CA ASN A 81 3.08 2.65 20.48
C ASN A 81 4.60 2.65 20.51
N GLY A 82 5.13 3.27 21.57
CA GLY A 82 6.59 3.28 21.80
C GLY A 82 7.37 4.39 21.13
N SER A 83 6.71 5.22 20.33
CA SER A 83 7.36 6.27 19.54
C SER A 83 6.64 7.58 19.75
N HIS A 84 7.36 8.66 19.49
CA HIS A 84 6.73 9.98 19.48
C HIS A 84 5.72 10.07 18.39
N GLN A 85 4.72 10.89 18.60
CA GLN A 85 3.74 11.15 17.56
C GLN A 85 4.34 12.03 16.44
N LYS A 86 3.96 11.72 15.23
CA LYS A 86 4.22 12.61 14.07
C LYS A 86 3.62 13.98 14.27
N THR A 87 4.36 14.99 13.82
CA THR A 87 3.77 16.33 13.63
C THR A 87 3.02 16.34 12.33
N PHE A 88 2.20 17.38 12.12
CA PHE A 88 1.48 17.57 10.85
C PHE A 88 2.45 17.62 9.66
N GLU A 89 3.55 18.29 9.88
CA GLU A 89 4.60 18.43 8.91
C GLU A 89 5.26 17.11 8.51
N GLU A 90 5.41 16.19 9.45
CA GLU A 90 5.99 14.88 9.15
C GLU A 90 5.05 13.97 8.49
N ILE A 91 3.76 14.08 8.77
CA ILE A 91 2.78 13.23 8.13
C ILE A 91 2.24 13.76 6.76
N LEU A 92 2.20 15.09 6.59
CA LEU A 92 1.76 15.73 5.33
C LEU A 92 2.36 15.12 4.06
N PRO A 93 3.68 14.83 4.02
CA PRO A 93 4.17 14.23 2.78
C PRO A 93 3.44 12.98 2.39
N GLU A 94 3.15 12.12 3.36
CA GLU A 94 2.46 10.87 3.07
C GLU A 94 1.02 11.07 2.56
N ILE A 95 0.35 12.10 3.07
CA ILE A 95 -0.98 12.45 2.61
C ILE A 95 -0.94 13.01 1.15
N ILE A 96 0.01 13.89 0.87
CA ILE A 96 0.23 14.40 -0.50
CA ILE A 96 0.24 14.40 -0.50
C ILE A 96 0.45 13.24 -1.49
N ILE A 97 1.32 12.32 -1.16
CA ILE A 97 1.55 11.15 -1.99
C ILE A 97 0.29 10.35 -2.21
N SER A 98 -0.51 10.14 -1.16
CA SER A 98 -1.77 9.43 -1.26
C SER A 98 -2.66 10.05 -2.30
N LYS A 99 -2.81 11.36 -2.20
CA LYS A 99 -3.70 12.09 -3.07
C LYS A 99 -3.26 12.02 -4.50
N GLU A 100 -1.98 12.29 -4.71
CA GLU A 100 -1.40 12.23 -6.07
C GLU A 100 -1.59 10.90 -6.72
N LEU A 101 -1.42 9.82 -5.98
CA LEU A 101 -1.55 8.50 -6.60
C LEU A 101 -3.02 8.15 -6.84
N SER A 102 -3.88 8.56 -5.94
CA SER A 102 -5.29 8.33 -6.08
C SER A 102 -5.80 9.02 -7.32
N LEU A 103 -5.34 10.25 -7.56
CA LEU A 103 -5.76 11.06 -8.73
C LEU A 103 -5.45 10.43 -10.10
N LEU A 104 -4.46 9.55 -10.12
CA LEU A 104 -4.14 8.80 -11.30
C LEU A 104 -5.35 8.07 -11.87
N SER A 105 -6.36 7.79 -11.06
CA SER A 105 -7.51 7.05 -11.58
C SER A 105 -8.37 7.89 -12.51
N GLY A 106 -8.31 9.22 -12.38
CA GLY A 106 -8.98 10.13 -13.30
C GLY A 106 -8.16 10.87 -14.37
N GLU A 107 -6.91 10.48 -14.49
CA GLU A 107 -6.01 11.04 -15.52
C GLU A 107 -6.20 10.41 -16.90
N VAL A 108 -5.51 10.94 -17.89
CA VAL A 108 -5.71 10.53 -19.28
C VAL A 108 -4.50 9.84 -19.87
N CYS A 109 -3.38 10.55 -19.90
CA CYS A 109 -2.13 10.00 -20.49
C CYS A 109 -1.55 8.86 -19.63
N ASN A 110 -1.62 9.04 -18.33
CA ASN A 110 -1.10 8.06 -17.34
C ASN A 110 -2.17 7.81 -16.30
N ARG A 111 -2.92 6.70 -16.51
CA ARG A 111 -4.11 6.40 -15.75
C ARG A 111 -3.90 5.03 -15.15
N THR A 112 -4.19 4.92 -13.86
CA THR A 112 -4.31 3.65 -13.20
C THR A 112 -5.24 3.78 -11.97
N GLU A 113 -5.96 2.70 -11.70
CA GLU A 113 -6.69 2.57 -10.44
C GLU A 113 -5.98 1.73 -9.40
N GLY A 114 -4.71 1.43 -9.57
CA GLY A 114 -4.07 0.41 -8.74
C GLY A 114 -3.53 0.93 -7.42
N PHE A 115 -3.67 2.25 -7.14
CA PHE A 115 -3.29 2.80 -5.83
C PHE A 115 -4.61 2.96 -5.04
N ILE A 116 -4.52 2.88 -3.73
CA ILE A 116 -5.73 3.00 -2.91
C ILE A 116 -6.38 4.36 -3.06
N GLY A 117 -7.68 4.35 -3.34
CA GLY A 117 -8.38 5.59 -3.61
C GLY A 117 -8.62 6.35 -2.33
N LEU A 118 -8.35 7.61 -2.37
CA LEU A 118 -8.47 8.51 -1.24
C LEU A 118 -9.75 9.33 -1.37
N ASN A 119 -10.66 9.11 -0.43
CA ASN A 119 -11.96 9.82 -0.41
C ASN A 119 -11.97 11.15 0.34
N SER A 120 -11.32 11.22 1.48
CA SER A 120 -11.30 12.46 2.26
C SER A 120 -10.20 12.43 3.28
N VAL A 121 -9.86 13.63 3.75
CA VAL A 121 -8.83 13.81 4.80
C VAL A 121 -9.37 14.88 5.73
N HIS A 122 -9.37 14.56 7.03
CA HIS A 122 -9.72 15.53 8.10
C HIS A 122 -8.71 15.59 9.17
N CYS A 123 -8.63 16.76 9.78
CA CYS A 123 -7.91 16.93 11.04
C CYS A 123 -8.94 17.02 12.12
N VAL A 124 -8.88 16.07 13.05
CA VAL A 124 -9.90 15.91 14.07
C VAL A 124 -9.27 16.15 15.46
N GLN A 125 -10.07 16.76 16.34
CA GLN A 125 -9.68 17.01 17.72
CA GLN A 125 -9.68 16.99 17.70
C GLN A 125 -10.71 16.38 18.65
N GLY A 126 -10.23 15.58 19.56
CA GLY A 126 -11.07 14.95 20.58
C GLY A 126 -10.38 13.76 21.18
N SER A 127 -10.99 13.25 22.24
CA SER A 127 -10.65 11.94 22.81
CA SER A 127 -10.68 11.93 22.83
C SER A 127 -11.05 10.83 21.85
N TYR A 128 -10.39 9.67 21.94
CA TYR A 128 -10.75 8.54 21.06
C TYR A 128 -12.17 8.16 21.32
N PRO A 129 -12.99 8.00 20.28
CA PRO A 129 -14.35 7.55 20.55
C PRO A 129 -14.45 6.21 21.27
N PRO A 130 -15.33 6.14 22.26
CA PRO A 130 -15.54 4.86 22.93
C PRO A 130 -15.96 3.72 21.96
N LEU A 131 -16.75 4.00 20.94
CA LEU A 131 -17.12 2.92 19.99
C LEU A 131 -15.89 2.37 19.23
N LEU A 132 -14.92 3.23 18.99
CA LEU A 132 -13.66 2.78 18.36
C LEU A 132 -12.81 1.93 19.31
N LEU A 133 -12.84 2.29 20.58
CA LEU A 133 -12.16 1.54 21.63
C LEU A 133 -12.71 0.11 21.71
N LYS A 134 -14.01 -0.03 21.50
CA LYS A 134 -14.70 -1.32 21.47
C LYS A 134 -14.23 -2.16 20.27
N ALA A 135 -14.18 -1.58 19.09
CA ALA A 135 -13.58 -2.25 17.92
C ALA A 135 -12.08 -2.60 18.11
N TRP A 136 -11.31 -1.70 18.73
CA TRP A 136 -9.92 -1.97 19.08
C TRP A 136 -9.78 -3.17 19.96
N ASP A 137 -10.58 -3.19 21.04
CA ASP A 137 -10.56 -4.36 21.97
C ASP A 137 -10.86 -5.69 21.29
N HIS A 138 -11.88 -5.68 20.43
CA HIS A 138 -12.28 -6.91 19.74
C HIS A 138 -11.13 -7.46 18.95
N TYR A 139 -10.46 -6.60 18.19
CA TYR A 139 -9.29 -7.02 17.41
C TYR A 139 -8.18 -7.55 18.34
N ASN A 140 -7.97 -6.88 19.46
CA ASN A 140 -6.95 -7.33 20.39
C ASN A 140 -7.25 -8.71 20.95
N SER A 141 -8.54 -8.99 21.22
CA SER A 141 -8.97 -10.27 21.76
C SER A 141 -8.85 -11.39 20.74
N THR A 142 -9.08 -11.06 19.48
CA THR A 142 -9.15 -12.07 18.45
C THR A 142 -7.82 -12.26 17.69
N LYS A 143 -7.19 -11.16 17.28
CA LYS A 143 -5.92 -11.25 16.56
C LYS A 143 -4.71 -10.89 17.42
N GLY A 144 -4.88 -10.07 18.45
CA GLY A 144 -3.73 -9.58 19.20
C GLY A 144 -3.13 -8.32 18.58
N SER A 145 -2.81 -7.34 19.45
CA SER A 145 -2.23 -6.05 19.00
C SER A 145 -0.85 -5.86 19.59
N ALA A 146 -0.01 -5.15 18.89
CA ALA A 146 1.30 -4.74 19.42
C ALA A 146 1.15 -3.30 19.89
N ASN A 147 -0.04 -2.69 19.68
CA ASN A 147 -0.22 -1.29 20.03
C ASN A 147 -0.77 -1.08 21.44
N ASP A 148 -0.62 0.15 21.92
CA ASP A 148 -1.22 0.58 23.15
C ASP A 148 -2.70 0.74 22.88
N ARG A 149 -3.47 0.38 23.85
CA ARG A 149 -4.92 0.60 23.82
C ARG A 149 -5.12 2.10 23.80
N PRO A 150 -5.84 2.60 22.81
CA PRO A 150 -5.83 4.02 22.66
C PRO A 150 -6.87 4.72 23.52
N ASP A 151 -6.75 4.57 24.83
CA ASP A 151 -7.74 5.06 25.76
C ASP A 151 -7.25 6.22 26.58
N PHE A 152 -6.01 6.69 26.35
CA PHE A 152 -5.41 7.67 27.25
C PHE A 152 -5.33 9.07 26.61
N PHE A 153 -6.00 9.27 25.49
CA PHE A 153 -5.90 10.56 24.77
C PHE A 153 -6.92 11.52 25.41
N LYS A 154 -6.56 12.78 25.51
CA LYS A 154 -7.37 13.82 26.14
C LYS A 154 -8.18 14.54 25.06
N ASP A 155 -9.07 15.42 25.49
CA ASP A 155 -10.02 16.03 24.52
C ASP A 155 -9.34 17.10 23.61
N ASP A 156 -8.08 17.44 23.87
CA ASP A 156 -7.31 18.32 23.00
C ASP A 156 -6.47 17.56 21.98
N GLN A 157 -6.49 16.23 21.98
CA GLN A 157 -5.65 15.48 21.05
C GLN A 157 -6.01 15.70 19.60
N LEU A 158 -5.00 15.95 18.75
CA LEU A 158 -5.23 15.99 17.31
C LEU A 158 -5.00 14.62 16.63
N PHE A 159 -5.83 14.37 15.63
CA PHE A 159 -5.68 13.20 14.75
C PHE A 159 -5.84 13.62 13.30
N ILE A 160 -5.21 12.86 12.39
CA ILE A 160 -5.55 12.92 11.00
C ILE A 160 -6.39 11.69 10.78
N VAL A 161 -7.58 11.88 10.21
CA VAL A 161 -8.48 10.81 9.78
C VAL A 161 -8.57 10.80 8.25
N LEU A 162 -8.19 9.67 7.65
CA LEU A 162 -8.19 9.54 6.22
C LEU A 162 -9.22 8.51 5.86
N GLU A 163 -10.06 8.84 4.92
CA GLU A 163 -10.97 7.81 4.41
C GLU A 163 -10.51 7.39 3.03
N PHE A 164 -10.28 6.09 2.91
CA PHE A 164 -9.85 5.43 1.70
C PHE A 164 -10.92 4.48 1.23
N GLU A 165 -10.90 4.15 -0.05
CA GLU A 165 -11.69 3.01 -0.52
C GLU A 165 -11.23 1.75 0.24
N PHE A 166 -12.12 0.77 0.38
CA PHE A 166 -11.74 -0.46 1.05
C PHE A 166 -10.99 -1.32 0.02
N GLY A 167 -9.80 -1.75 0.36
CA GLY A 167 -8.92 -2.44 -0.61
C GLY A 167 -8.90 -3.96 -0.49
N GLY A 168 -9.52 -4.49 0.57
CA GLY A 168 -9.65 -5.92 0.75
C GLY A 168 -8.66 -6.36 1.82
N ILE A 169 -7.88 -7.40 1.50
CA ILE A 169 -7.02 -8.13 2.44
CA ILE A 169 -6.99 -8.02 2.46
C ILE A 169 -5.61 -8.24 1.83
N ASP A 170 -4.57 -8.13 2.63
CA ASP A 170 -3.21 -8.13 2.09
C ASP A 170 -2.77 -9.50 1.61
N LEU A 171 -1.80 -9.45 0.70
CA LEU A 171 -1.29 -10.60 0.00
C LEU A 171 -0.73 -11.60 1.03
N GLU A 172 -0.03 -11.10 2.05
CA GLU A 172 0.55 -11.99 3.08
C GLU A 172 -0.57 -12.80 3.74
N GLN A 173 -1.66 -12.13 4.09
CA GLN A 173 -2.79 -12.81 4.71
C GLN A 173 -3.52 -13.71 3.75
N MET A 174 -3.30 -13.52 2.45
CA MET A 174 -3.94 -14.37 1.45
C MET A 174 -2.97 -15.48 0.99
N ARG A 175 -1.94 -15.75 1.79
CA ARG A 175 -0.85 -16.65 1.42
C ARG A 175 -1.34 -18.00 0.94
N THR A 176 -2.41 -18.51 1.52
CA THR A 176 -2.89 -19.85 1.21
C THR A 176 -4.28 -19.83 0.55
N LYS A 177 -4.64 -18.67 0.02
CA LYS A 177 -6.04 -18.42 -0.37
C LYS A 177 -6.27 -18.18 -1.86
N LEU A 178 -5.23 -17.99 -2.66
CA LEU A 178 -5.36 -17.73 -4.12
C LEU A 178 -5.57 -19.00 -4.95
N SER A 179 -6.26 -18.87 -6.09
CA SER A 179 -6.59 -20.08 -6.88
C SER A 179 -5.36 -20.75 -7.47
N SER A 180 -4.53 -19.98 -8.16
CA SER A 180 -3.38 -20.50 -8.95
C SER A 180 -2.35 -19.44 -9.33
N LEU A 181 -1.22 -19.91 -9.86
CA LEU A 181 -0.20 -19.02 -10.40
C LEU A 181 -0.73 -18.09 -11.50
N ALA A 182 -1.79 -18.45 -12.21
CA ALA A 182 -2.55 -17.47 -13.08
C ALA A 182 -2.95 -16.22 -12.29
N THR A 183 -3.45 -16.43 -11.06
CA THR A 183 -3.75 -15.32 -10.17
C THR A 183 -2.50 -14.52 -9.77
N ALA A 184 -1.44 -15.23 -9.46
CA ALA A 184 -0.15 -14.57 -9.14
C ALA A 184 0.31 -13.66 -10.31
N LYS A 185 0.19 -14.19 -11.52
CA LYS A 185 0.57 -13.41 -12.68
C LYS A 185 -0.29 -12.15 -12.85
N SER A 186 -1.60 -12.22 -12.61
CA SER A 186 -2.46 -11.04 -12.71
C SER A 186 -1.99 -10.02 -11.67
N ILE A 187 -1.62 -10.50 -10.50
CA ILE A 187 -1.20 -9.56 -9.44
C ILE A 187 0.09 -8.82 -9.78
N LEU A 188 1.08 -9.59 -10.24
CA LEU A 188 2.32 -9.02 -10.66
C LEU A 188 2.11 -8.05 -11.83
N HIS A 189 1.22 -8.38 -12.77
CA HIS A 189 0.99 -7.54 -13.91
C HIS A 189 0.31 -6.26 -13.45
N GLN A 190 -0.75 -6.37 -12.66
CA GLN A 190 -1.37 -5.17 -12.03
C GLN A 190 -0.37 -4.26 -11.33
N LEU A 191 0.50 -4.86 -10.53
CA LEU A 191 1.46 -4.09 -9.72
C LEU A 191 2.46 -3.39 -10.60
N THR A 192 2.97 -4.13 -11.58
CA THR A 192 3.92 -3.57 -12.56
C THR A 192 3.33 -2.39 -13.37
N ALA A 193 2.09 -2.53 -13.86
CA ALA A 193 1.39 -1.46 -14.59
C ALA A 193 1.13 -0.21 -13.69
N SER A 194 0.71 -0.41 -12.43
CA SER A 194 0.42 0.70 -11.55
C SER A 194 1.69 1.47 -11.27
N LEU A 195 2.78 0.75 -10.98
CA LEU A 195 4.03 1.40 -10.73
C LEU A 195 4.57 2.08 -11.98
N ALA A 196 4.43 1.44 -13.14
CA ALA A 196 4.90 2.10 -14.40
C ALA A 196 4.16 3.41 -14.67
N VAL A 197 2.86 3.42 -14.44
CA VAL A 197 2.05 4.61 -14.68
C VAL A 197 2.48 5.70 -13.68
N ALA A 198 2.84 5.31 -12.46
CA ALA A 198 3.25 6.28 -11.47
C ALA A 198 4.67 6.81 -11.74
N GLU A 199 5.52 5.96 -12.32
CA GLU A 199 6.86 6.35 -12.73
C GLU A 199 6.71 7.40 -13.82
N ALA A 200 5.80 7.12 -14.76
CA ALA A 200 5.69 7.93 -15.96
C ALA A 200 5.10 9.30 -15.56
N SER A 201 4.17 9.31 -14.63
CA SER A 201 3.40 10.52 -14.32
C SER A 201 4.07 11.35 -13.27
N LEU A 202 4.67 10.65 -12.30
CA LEU A 202 5.12 11.28 -11.05
C LEU A 202 6.54 10.94 -10.57
N ARG A 203 7.32 10.28 -11.40
CA ARG A 203 8.63 9.80 -11.00
C ARG A 203 8.58 9.16 -9.61
N PHE A 204 7.61 8.28 -9.50
CA PHE A 204 7.27 7.60 -8.25
C PHE A 204 8.13 6.38 -7.93
N GLU A 205 8.55 6.27 -6.68
CA GLU A 205 9.10 5.02 -6.14
C GLU A 205 8.35 4.74 -4.85
N HIS A 206 7.81 3.54 -4.75
CA HIS A 206 7.10 3.17 -3.53
C HIS A 206 8.03 3.00 -2.32
N ARG A 207 9.08 2.21 -2.53
CA ARG A 207 10.19 2.00 -1.57
C ARG A 207 9.91 1.11 -0.34
N ASP A 208 8.68 0.59 -0.20
CA ASP A 208 8.39 -0.31 0.86
C ASP A 208 7.29 -1.28 0.52
N LEU A 209 7.36 -1.86 -0.67
CA LEU A 209 6.22 -2.64 -1.19
C LEU A 209 6.35 -4.09 -0.79
N HIS A 210 6.43 -4.35 0.52
CA HIS A 210 6.38 -5.73 1.06
C HIS A 210 4.95 -6.23 0.94
N TRP A 211 4.74 -7.52 1.23
CA TRP A 211 3.47 -8.11 0.89
C TRP A 211 2.32 -7.79 1.82
N GLY A 212 2.59 -7.03 2.86
CA GLY A 212 1.54 -6.42 3.68
C GLY A 212 0.95 -5.19 2.99
N ASN A 213 1.61 -4.65 1.98
CA ASN A 213 1.23 -3.39 1.36
C ASN A 213 0.59 -3.58 -0.04
N VAL A 214 0.31 -4.84 -0.38
CA VAL A 214 -0.43 -5.23 -1.58
C VAL A 214 -1.81 -5.77 -1.15
N LEU A 215 -2.86 -5.05 -1.47
CA LEU A 215 -4.21 -5.45 -1.03
C LEU A 215 -4.99 -6.07 -2.21
N LEU A 216 -5.81 -7.07 -1.90
CA LEU A 216 -6.55 -7.87 -2.83
C LEU A 216 -8.00 -7.89 -2.47
N LYS A 217 -8.86 -7.54 -3.44
CA LYS A 217 -10.28 -7.70 -3.29
C LYS A 217 -10.93 -8.22 -4.57
N LYS A 218 -12.05 -8.87 -4.38
CA LYS A 218 -12.83 -9.42 -5.48
C LYS A 218 -13.30 -8.29 -6.44
N THR A 219 -13.21 -8.58 -7.74
CA THR A 219 -13.88 -7.80 -8.78
C THR A 219 -14.65 -8.71 -9.74
N SER A 220 -15.77 -8.21 -10.22
CA SER A 220 -16.53 -8.89 -11.30
C SER A 220 -15.99 -8.50 -12.74
N LEU A 221 -15.05 -7.58 -12.84
CA LEU A 221 -14.48 -7.23 -14.15
C LEU A 221 -13.52 -8.34 -14.61
N LYS A 222 -13.62 -8.77 -15.86
CA LYS A 222 -12.71 -9.75 -16.45
C LYS A 222 -11.36 -9.14 -16.72
N LYS A 223 -11.39 -7.88 -17.17
CA LYS A 223 -10.18 -7.15 -17.55
C LYS A 223 -10.13 -5.79 -16.83
N LEU A 224 -8.94 -5.41 -16.40
CA LEU A 224 -8.71 -4.10 -15.81
C LEU A 224 -7.95 -3.19 -16.80
N HIS A 225 -8.16 -1.88 -16.70
CA HIS A 225 -7.69 -0.94 -17.69
C HIS A 225 -6.62 -0.03 -17.14
N TYR A 226 -5.61 0.28 -17.93
CA TYR A 226 -4.63 1.33 -17.60
C TYR A 226 -4.19 2.03 -18.92
N THR A 227 -3.61 3.21 -18.77
CA THR A 227 -3.01 4.00 -19.84
C THR A 227 -1.63 4.44 -19.38
N LEU A 228 -0.62 4.17 -20.20
CA LEU A 228 0.76 4.50 -19.89
C LEU A 228 1.23 5.33 -21.08
N ASN A 229 1.63 6.58 -20.79
CA ASN A 229 2.00 7.57 -21.80
C ASN A 229 1.09 7.54 -23.04
N GLY A 230 -0.21 7.57 -22.80
CA GLY A 230 -1.16 7.69 -23.85
C GLY A 230 -1.56 6.36 -24.52
N LYS A 231 -0.94 5.26 -24.14
CA LYS A 231 -1.24 3.96 -24.78
C LYS A 231 -2.01 3.11 -23.73
N SER A 232 -3.27 2.80 -24.03
CA SER A 232 -4.11 2.00 -23.15
C SER A 232 -3.99 0.49 -23.42
N SER A 233 -4.10 -0.26 -22.34
CA SER A 233 -4.11 -1.71 -22.44
C SER A 233 -4.95 -2.29 -21.30
N THR A 234 -5.01 -3.61 -21.26
CA THR A 234 -5.84 -4.28 -20.29
C THR A 234 -5.01 -5.43 -19.67
N ILE A 235 -5.44 -5.84 -18.48
CA ILE A 235 -4.85 -6.90 -17.67
C ILE A 235 -6.01 -7.84 -17.25
N PRO A 236 -5.93 -9.14 -17.64
CA PRO A 236 -6.96 -10.05 -17.11
C PRO A 236 -6.88 -10.09 -15.55
N SER A 237 -8.04 -9.97 -14.92
CA SER A 237 -8.09 -9.76 -13.49
C SER A 237 -7.91 -11.03 -12.67
N CYS A 238 -8.32 -12.17 -13.25
CA CYS A 238 -8.51 -13.39 -12.49
C CYS A 238 -9.37 -13.14 -11.28
N GLY A 239 -10.36 -12.26 -11.40
CA GLY A 239 -11.35 -12.05 -10.33
C GLY A 239 -10.87 -11.21 -9.15
N LEU A 240 -9.68 -10.64 -9.27
CA LEU A 240 -9.08 -9.76 -8.26
C LEU A 240 -8.64 -8.41 -8.74
N GLN A 241 -8.85 -7.43 -7.87
CA GLN A 241 -8.32 -6.08 -8.06
C GLN A 241 -7.30 -5.78 -6.94
N VAL A 242 -6.11 -5.39 -7.35
CA VAL A 242 -4.98 -5.08 -6.47
C VAL A 242 -5.02 -3.60 -6.15
N SER A 243 -4.69 -3.23 -4.91
CA SER A 243 -4.49 -1.83 -4.49
C SER A 243 -3.20 -1.79 -3.68
N ILE A 244 -2.42 -0.80 -3.95
CA ILE A 244 -1.19 -0.52 -3.28
C ILE A 244 -1.48 0.52 -2.19
N ILE A 245 -0.87 0.27 -1.04
CA ILE A 245 -0.97 1.14 0.13
C ILE A 245 0.38 1.51 0.74
N ASP A 246 0.34 2.45 1.71
CA ASP A 246 1.44 2.78 2.68
C ASP A 246 2.64 3.45 2.05
N TYR A 247 2.71 4.76 2.23
CA TYR A 247 3.70 5.60 1.57
C TYR A 247 4.73 6.12 2.54
N THR A 248 4.95 5.38 3.63
CA THR A 248 5.96 5.70 4.62
C THR A 248 7.31 6.08 3.99
N LEU A 249 7.77 5.31 3.03
CA LEU A 249 9.05 5.53 2.43
C LEU A 249 9.02 6.10 1.04
N SER A 250 7.82 6.35 0.49
CA SER A 250 7.67 6.66 -0.92
C SER A 250 8.20 8.05 -1.31
N ARG A 251 8.47 8.19 -2.64
CA ARG A 251 9.06 9.36 -3.25
C ARG A 251 8.34 9.62 -4.57
N LEU A 252 8.06 10.89 -4.82
CA LEU A 252 7.56 11.39 -6.08
C LEU A 252 7.84 12.88 -6.25
N GLU A 253 7.53 13.40 -7.42
CA GLU A 253 7.84 14.78 -7.72
C GLU A 253 6.81 15.35 -8.70
N ARG A 254 6.61 16.67 -8.63
CA ARG A 254 5.84 17.41 -9.61
C ARG A 254 6.52 18.72 -9.80
N ASP A 255 6.83 19.05 -11.07
CA ASP A 255 7.52 20.29 -11.43
C ASP A 255 8.79 20.50 -10.64
N GLY A 256 9.55 19.41 -10.47
CA GLY A 256 10.84 19.51 -9.82
C GLY A 256 10.79 19.63 -8.30
N ILE A 257 9.59 19.57 -7.69
CA ILE A 257 9.50 19.59 -6.21
C ILE A 257 9.40 18.12 -5.76
N VAL A 258 10.38 17.59 -4.99
CA VAL A 258 10.44 16.18 -4.65
C VAL A 258 9.84 15.97 -3.24
N VAL A 259 8.89 15.07 -3.13
CA VAL A 259 8.35 14.68 -1.82
C VAL A 259 8.96 13.30 -1.52
N PHE A 260 9.69 13.17 -0.41
CA PHE A 260 10.29 11.86 -0.07
C PHE A 260 10.61 11.74 1.42
N CYS A 261 10.86 10.51 1.84
CA CYS A 261 11.27 10.22 3.22
C CYS A 261 12.79 10.02 3.24
N ASP A 262 13.47 10.96 3.83
CA ASP A 262 14.92 10.97 3.87
C ASP A 262 15.40 10.00 4.95
N VAL A 263 15.71 8.78 4.56
CA VAL A 263 16.24 7.79 5.51
C VAL A 263 17.76 7.67 5.46
N SER A 264 18.45 8.64 4.86
CA SER A 264 19.93 8.56 4.82
C SER A 264 20.60 8.41 6.19
N MET A 265 19.98 8.88 7.27
CA MET A 265 20.53 8.69 8.60
C MET A 265 19.96 7.51 9.42
N ASP A 266 18.97 6.81 8.91
CA ASP A 266 18.44 5.61 9.59
C ASP A 266 19.52 4.54 9.55
N GLU A 267 19.65 3.81 10.63
CA GLU A 267 20.54 2.66 10.68
C GLU A 267 19.75 1.36 10.69
N ASP A 268 18.75 1.29 11.57
CA ASP A 268 17.92 0.11 11.77
C ASP A 268 17.26 -0.38 10.50
N LEU A 269 16.81 0.52 9.64
CA LEU A 269 16.14 0.13 8.44
C LEU A 269 16.98 -0.83 7.57
N PHE A 270 18.30 -0.70 7.68
CA PHE A 270 19.24 -1.38 6.78
C PHE A 270 19.93 -2.57 7.42
N THR A 271 19.53 -2.95 8.65
CA THR A 271 20.18 -4.03 9.36
C THR A 271 19.21 -5.16 9.70
N GLY A 272 18.05 -5.24 9.05
CA GLY A 272 17.11 -6.33 9.32
C GLY A 272 17.60 -7.63 8.74
N ASP A 273 17.04 -8.74 9.22
CA ASP A 273 17.42 -10.05 8.72
C ASP A 273 16.21 -10.99 8.67
N GLY A 274 16.40 -12.14 8.02
CA GLY A 274 15.45 -13.24 8.05
C GLY A 274 14.42 -13.27 6.94
N ASP A 275 14.50 -12.34 5.99
CA ASP A 275 13.53 -12.25 4.92
C ASP A 275 14.21 -11.41 3.85
N TYR A 276 14.01 -11.78 2.62
CA TYR A 276 14.50 -10.96 1.50
C TYR A 276 14.08 -9.48 1.59
N GLN A 277 12.90 -9.21 2.14
CA GLN A 277 12.44 -7.84 2.38
C GLN A 277 13.55 -6.92 2.88
N PHE A 278 14.28 -7.40 3.87
CA PHE A 278 15.32 -6.62 4.51
C PHE A 278 16.58 -6.42 3.64
N ASP A 279 16.88 -7.34 2.71
CA ASP A 279 17.89 -7.07 1.70
C ASP A 279 17.44 -5.94 0.75
N ILE A 280 16.15 -5.85 0.43
CA ILE A 280 15.71 -4.84 -0.49
C ILE A 280 16.08 -3.43 0.03
N TYR A 281 15.88 -3.12 1.31
CA TYR A 281 16.33 -1.83 1.83
C TYR A 281 17.80 -1.62 1.53
N ARG A 282 18.60 -2.65 1.76
CA ARG A 282 20.04 -2.50 1.50
C ARG A 282 20.37 -2.28 -0.02
N LEU A 283 19.67 -3.01 -0.87
CA LEU A 283 19.85 -2.91 -2.31
C LEU A 283 19.40 -1.56 -2.87
N MET A 284 18.32 -0.99 -2.32
CA MET A 284 17.97 0.40 -2.68
C MET A 284 19.04 1.41 -2.29
N LYS A 285 19.63 1.23 -1.12
CA LYS A 285 20.65 2.16 -0.64
C LYS A 285 21.91 2.08 -1.54
N LYS A 286 22.21 0.86 -1.99
CA LYS A 286 23.27 0.60 -2.91
C LYS A 286 22.98 1.29 -4.26
N GLU A 287 21.79 1.08 -4.81
CA GLU A 287 21.40 1.73 -6.06
C GLU A 287 21.44 3.24 -6.02
N ASN A 288 20.97 3.86 -4.93
CA ASN A 288 20.86 5.32 -4.85
C ASN A 288 22.01 6.04 -4.11
N ASN A 289 23.02 5.29 -3.68
CA ASN A 289 24.15 5.82 -2.92
C ASN A 289 23.72 6.62 -1.71
N ASN A 290 22.70 6.12 -1.02
CA ASN A 290 22.15 6.81 0.13
C ASN A 290 21.66 8.23 -0.16
N ARG A 291 21.25 8.48 -1.40
CA ARG A 291 20.70 9.78 -1.77
C ARG A 291 19.22 9.62 -2.14
N TRP A 292 18.36 9.85 -1.16
CA TRP A 292 16.96 9.44 -1.25
C TRP A 292 16.08 10.42 -1.97
N GLY A 293 16.56 11.64 -2.20
CA GLY A 293 15.86 12.64 -3.05
C GLY A 293 15.92 12.30 -4.55
N GLU A 294 16.95 11.57 -4.97
CA GLU A 294 17.12 11.21 -6.36
C GLU A 294 16.01 10.24 -6.82
N TYR A 295 15.83 10.16 -8.12
CA TYR A 295 14.88 9.24 -8.74
C TYR A 295 15.62 8.01 -9.29
N HIS A 296 15.38 6.88 -8.64
CA HIS A 296 15.93 5.60 -9.03
C HIS A 296 14.79 4.59 -9.20
N PRO A 297 14.11 4.61 -10.35
CA PRO A 297 13.02 3.67 -10.47
C PRO A 297 13.37 2.18 -10.43
N TYR A 298 14.65 1.84 -10.46
CA TYR A 298 15.09 0.52 -10.18
C TYR A 298 14.58 -0.02 -8.84
N SER A 299 14.29 0.84 -7.87
CA SER A 299 13.73 0.38 -6.60
C SER A 299 12.41 -0.29 -6.80
N ASN A 300 11.58 0.15 -7.74
CA ASN A 300 10.31 -0.53 -8.02
C ASN A 300 10.54 -1.95 -8.57
N VAL A 301 11.54 -2.10 -9.41
CA VAL A 301 11.93 -3.40 -9.90
C VAL A 301 12.39 -4.31 -8.75
N LEU A 302 13.21 -3.78 -7.85
CA LEU A 302 13.67 -4.53 -6.66
C LEU A 302 12.46 -5.08 -5.88
N TRP A 303 11.50 -4.23 -5.59
CA TRP A 303 10.27 -4.65 -4.87
C TRP A 303 9.48 -5.64 -5.64
N LEU A 304 9.33 -5.46 -6.95
CA LEU A 304 8.57 -6.41 -7.74
C LEU A 304 9.25 -7.79 -7.75
N HIS A 305 10.58 -7.77 -7.68
CA HIS A 305 11.34 -8.98 -7.62
C HIS A 305 11.11 -9.70 -6.30
N TYR A 306 11.13 -8.96 -5.19
CA TYR A 306 10.75 -9.47 -3.87
C TYR A 306 9.32 -10.09 -3.91
N LEU A 307 8.40 -9.41 -4.55
CA LEU A 307 7.05 -9.93 -4.63
C LEU A 307 6.98 -11.19 -5.47
N THR A 308 7.72 -11.24 -6.56
CA THR A 308 7.74 -12.41 -7.39
C THR A 308 8.35 -13.60 -6.60
N ASP A 309 9.36 -13.31 -5.80
CA ASP A 309 10.04 -14.30 -4.96
C ASP A 309 9.03 -14.90 -3.92
N LYS A 310 8.21 -14.03 -3.31
CA LYS A 310 7.12 -14.46 -2.45
CA LYS A 310 7.13 -14.45 -2.46
C LYS A 310 6.13 -15.36 -3.17
N MET A 311 5.74 -14.99 -4.39
CA MET A 311 4.76 -15.82 -5.18
C MET A 311 5.31 -17.22 -5.41
N LEU A 312 6.60 -17.30 -5.68
CA LEU A 312 7.17 -18.59 -6.03
C LEU A 312 7.58 -19.39 -4.85
N LYS A 313 7.93 -18.76 -3.73
CA LYS A 313 8.48 -19.51 -2.59
C LYS A 313 7.65 -19.57 -1.30
N GLN A 314 6.78 -18.62 -1.06
CA GLN A 314 5.97 -18.56 0.17
CA GLN A 314 5.98 -18.60 0.17
C GLN A 314 4.47 -18.73 -0.08
N MET A 315 3.96 -18.34 -1.24
CA MET A 315 2.51 -18.52 -1.51
C MET A 315 2.25 -20.00 -1.83
N THR A 316 1.03 -20.46 -1.51
CA THR A 316 0.68 -21.81 -1.85
C THR A 316 -0.76 -21.72 -2.37
N PHE A 317 -1.03 -22.40 -3.46
CA PHE A 317 -2.21 -22.21 -4.25
C PHE A 317 -3.11 -23.40 -4.19
N LYS A 318 -4.40 -23.11 -4.27
CA LYS A 318 -5.43 -24.13 -4.23
C LYS A 318 -5.32 -25.11 -5.36
N THR A 319 -5.10 -24.62 -6.57
CA THR A 319 -4.97 -25.54 -7.75
C THR A 319 -3.57 -25.37 -8.26
N LYS A 320 -2.83 -26.44 -8.43
CA LYS A 320 -1.45 -26.33 -8.84
C LYS A 320 -1.46 -26.35 -10.37
N CYS A 321 -0.28 -26.17 -10.97
CA CYS A 321 -0.16 -26.04 -12.42
C CYS A 321 -0.06 -27.44 -12.99
N ASN A 322 -1.15 -27.86 -13.65
CA ASN A 322 -1.34 -29.22 -14.14
C ASN A 322 -1.63 -29.31 -15.65
N THR A 323 -2.09 -28.23 -16.27
CA THR A 323 -2.35 -28.21 -17.70
C THR A 323 -1.25 -27.45 -18.48
N PRO A 324 -1.13 -27.74 -19.79
CA PRO A 324 -0.19 -27.02 -20.62
C PRO A 324 -0.15 -25.53 -20.30
N ALA A 325 -1.29 -24.84 -20.49
CA ALA A 325 -1.36 -23.39 -20.36
C ALA A 325 -0.87 -22.94 -18.98
N MET A 326 -1.07 -23.80 -17.96
CA MET A 326 -0.77 -23.44 -16.56
C MET A 326 0.72 -23.58 -16.28
N LYS A 327 1.30 -24.65 -16.79
CA LYS A 327 2.72 -24.91 -16.62
C LYS A 327 3.56 -23.86 -17.32
N GLN A 328 3.09 -23.44 -18.48
CA GLN A 328 3.70 -22.35 -19.20
C GLN A 328 3.69 -21.10 -18.32
N ILE A 329 2.56 -20.81 -17.65
CA ILE A 329 2.47 -19.61 -16.80
C ILE A 329 3.53 -19.71 -15.70
N LYS A 330 3.63 -20.89 -15.09
CA LYS A 330 4.61 -21.13 -14.04
C LYS A 330 6.04 -20.90 -14.54
N ARG A 331 6.35 -21.46 -15.70
CA ARG A 331 7.67 -21.27 -16.28
C ARG A 331 7.96 -19.81 -16.61
N LYS A 332 6.94 -19.05 -17.07
CA LYS A 332 7.12 -17.66 -17.35
C LYS A 332 7.39 -16.80 -16.12
N ILE A 333 6.70 -17.08 -15.01
CA ILE A 333 6.94 -16.35 -13.76
C ILE A 333 8.33 -16.71 -13.23
N GLN A 334 8.70 -17.98 -13.34
CA GLN A 334 10.06 -18.36 -12.97
C GLN A 334 11.11 -17.58 -13.78
N GLU A 335 10.85 -17.47 -15.06
CA GLU A 335 11.75 -16.76 -15.96
C GLU A 335 11.78 -15.22 -15.62
N PHE A 336 10.65 -14.64 -15.22
CA PHE A 336 10.53 -13.31 -14.75
C PHE A 336 11.41 -13.14 -13.52
N HIS A 337 11.38 -14.09 -12.57
CA HIS A 337 12.19 -13.99 -11.38
C HIS A 337 13.65 -13.90 -11.70
N ARG A 338 14.14 -14.68 -12.66
CA ARG A 338 15.56 -14.66 -12.87
C ARG A 338 16.07 -13.64 -13.86
N THR A 339 15.16 -12.93 -14.53
CA THR A 339 15.50 -11.96 -15.56
C THR A 339 15.14 -10.52 -15.21
N MET A 340 14.11 -10.30 -14.38
CA MET A 340 13.58 -8.93 -14.17
C MET A 340 14.58 -7.94 -13.58
N LEU A 341 15.55 -8.42 -12.84
CA LEU A 341 16.51 -7.52 -12.23
C LEU A 341 17.46 -6.85 -13.27
N ASN A 342 17.39 -7.26 -14.54
CA ASN A 342 18.13 -6.63 -15.66
C ASN A 342 17.28 -5.57 -16.41
N PHE A 343 16.22 -5.09 -15.77
CA PHE A 343 15.41 -4.04 -16.33
C PHE A 343 15.52 -2.86 -15.41
N SER A 344 15.32 -1.68 -15.94
CA SER A 344 15.71 -0.48 -15.22
C SER A 344 14.56 0.19 -14.48
N SER A 345 13.33 -0.25 -14.72
CA SER A 345 12.15 0.41 -14.14
C SER A 345 10.98 -0.50 -14.33
N ALA A 346 9.90 -0.28 -13.57
CA ALA A 346 8.62 -0.90 -13.88
C ALA A 346 8.11 -0.58 -15.28
N THR A 347 8.40 0.61 -15.73
CA THR A 347 8.05 0.99 -17.14
C THR A 347 8.71 0.06 -18.16
N ASP A 348 10.03 -0.10 -18.00
CA ASP A 348 10.86 -1.01 -18.82
CA ASP A 348 10.85 -1.02 -18.79
C ASP A 348 10.26 -2.43 -18.76
N LEU A 349 9.92 -2.91 -17.55
CA LEU A 349 9.40 -4.26 -17.40
C LEU A 349 8.10 -4.42 -18.14
N LEU A 350 7.17 -3.48 -17.91
CA LEU A 350 5.83 -3.57 -18.48
C LEU A 350 5.92 -3.59 -20.01
N CYS A 351 6.78 -2.76 -20.56
CA CYS A 351 6.84 -2.52 -22.02
C CYS A 351 7.70 -3.54 -22.77
N GLN A 352 8.71 -4.11 -22.09
CA GLN A 352 9.70 -4.99 -22.72
C GLN A 352 9.71 -6.45 -22.26
N HIS A 353 9.26 -6.75 -21.04
CA HIS A 353 9.33 -8.14 -20.57
C HIS A 353 8.34 -9.05 -21.23
N SER A 354 8.81 -10.26 -21.60
CA SER A 354 8.00 -11.24 -22.27
C SER A 354 6.83 -11.73 -21.41
N LEU A 355 6.91 -11.59 -20.09
CA LEU A 355 5.82 -12.07 -19.23
C LEU A 355 4.49 -11.36 -19.57
N PHE A 356 4.59 -10.12 -20.05
CA PHE A 356 3.42 -9.28 -20.26
C PHE A 356 2.98 -9.18 -21.73
N LYS A 357 3.52 -10.04 -22.58
CA LYS A 357 3.09 -10.05 -23.96
C LYS A 357 2.16 -11.24 -24.16
#